data_6AP0
#
_entry.id   6AP0
#
_cell.length_a   63.478
_cell.length_b   44.346
_cell.length_c   68.433
_cell.angle_alpha   90.00
_cell.angle_beta   98.65
_cell.angle_gamma   90.00
#
_symmetry.space_group_name_H-M   'C 1 2 1'
#
loop_
_entity.id
_entity.type
_entity.pdbx_description
1 polymer 'CASP8-associated protein 2'
2 water water
#
_entity_poly.entity_id   1
_entity_poly.type   'polypeptide(L)'
_entity_poly.pdbx_seq_one_letter_code
;MSRNSLDLYEEILTEEGTAKEATYNDLQVEYGKAQLQMKELMKKFKEIQAQNFSLINENQSLKKNISALIKTARVEINRK
DEEISNLHLEHHHHHH
;
_entity_poly.pdbx_strand_id   B,A
#
# COMPACT_ATOMS: atom_id res chain seq x y z
N ARG A 3 48.05 19.40 44.72
CA ARG A 3 47.84 18.69 43.46
C ARG A 3 46.38 18.27 43.32
N ASN A 4 45.59 18.51 44.36
CA ASN A 4 44.19 18.09 44.37
C ASN A 4 43.35 18.85 43.34
N SER A 5 43.88 19.96 42.84
CA SER A 5 43.24 20.69 41.75
C SER A 5 43.53 19.98 40.43
N LEU A 6 44.72 19.38 40.35
CA LEU A 6 45.09 18.54 39.22
C LEU A 6 44.47 17.15 39.35
N ASP A 7 44.43 16.65 40.59
CA ASP A 7 43.80 15.37 40.88
C ASP A 7 42.33 15.39 40.48
N LEU A 8 41.68 16.51 40.76
CA LEU A 8 40.28 16.69 40.36
C LEU A 8 40.16 16.87 38.85
N TYR A 9 41.11 17.59 38.26
CA TYR A 9 41.11 17.83 36.83
C TYR A 9 41.16 16.52 36.03
N GLU A 10 41.99 15.59 36.50
CA GLU A 10 42.14 14.30 35.83
C GLU A 10 40.88 13.44 36.01
N GLU A 11 40.31 13.46 37.21
CA GLU A 11 39.07 12.75 37.47
C GLU A 11 37.93 13.33 36.65
N ILE A 12 38.00 14.64 36.40
CA ILE A 12 36.99 15.32 35.61
C ILE A 12 37.07 14.91 34.13
N LEU A 13 38.30 14.83 33.61
CA LEU A 13 38.51 14.47 32.21
C LEU A 13 37.97 13.09 31.90
N THR A 14 38.19 12.15 32.81
CA THR A 14 37.75 10.78 32.60
C THR A 14 36.25 10.62 32.85
N GLU A 15 35.71 11.42 33.77
CA GLU A 15 34.29 11.37 34.08
C GLU A 15 33.46 11.88 32.90
N GLU A 16 33.95 12.94 32.27
CA GLU A 16 33.31 13.51 31.10
C GLU A 16 33.54 12.63 29.86
N GLY A 17 34.68 11.95 29.83
CA GLY A 17 35.02 11.05 28.75
C GLY A 17 34.19 9.77 28.80
N THR A 18 34.00 9.24 30.00
CA THR A 18 33.13 8.08 30.21
C THR A 18 31.72 8.41 29.76
N ALA A 19 31.26 9.61 30.10
CA ALA A 19 29.91 10.04 29.78
C ALA A 19 29.68 10.21 28.28
N LYS A 20 30.63 10.84 27.60
CA LYS A 20 30.50 11.10 26.17
C LYS A 20 30.60 9.85 25.32
N GLU A 21 31.38 8.89 25.80
CA GLU A 21 31.53 7.62 25.10
C GLU A 21 30.28 6.75 25.28
N ALA A 22 29.64 6.89 26.44
CA ALA A 22 28.43 6.14 26.75
C ALA A 22 27.20 6.74 26.06
N THR A 23 27.28 8.04 25.76
CA THR A 23 26.24 8.70 24.97
C THR A 23 26.40 8.29 23.51
N TYR A 24 27.66 8.18 23.08
CA TYR A 24 27.97 7.72 21.73
C TYR A 24 27.55 6.27 21.54
N ASN A 25 27.93 5.43 22.51
CA ASN A 25 27.54 4.03 22.52
C ASN A 25 26.01 3.89 22.39
N ASP A 26 25.30 4.68 23.18
CA ASP A 26 23.84 4.67 23.16
C ASP A 26 23.31 5.03 21.78
N LEU A 27 23.97 5.97 21.11
CA LEU A 27 23.54 6.41 19.80
C LEU A 27 23.77 5.31 18.77
N GLN A 28 24.90 4.62 18.87
CA GLN A 28 25.22 3.52 17.96
C GLN A 28 24.19 2.40 18.06
N VAL A 29 23.72 2.16 19.27
CA VAL A 29 22.73 1.11 19.53
C VAL A 29 21.37 1.54 19.00
N GLU A 30 20.95 2.75 19.33
CA GLU A 30 19.66 3.28 18.88
C GLU A 30 19.60 3.41 17.37
N TYR A 31 20.76 3.63 16.75
CA TYR A 31 20.82 3.71 15.30
C TYR A 31 20.55 2.34 14.68
N GLY A 32 21.24 1.32 15.17
CA GLY A 32 21.06 -0.04 14.69
C GLY A 32 19.66 -0.56 14.91
N LYS A 33 19.08 -0.25 16.07
CA LYS A 33 17.69 -0.60 16.37
C LYS A 33 16.78 -0.02 15.31
N ALA A 34 17.01 1.26 15.00
CA ALA A 34 16.20 1.97 14.04
C ALA A 34 16.32 1.33 12.66
N GLN A 35 17.52 0.84 12.34
CA GLN A 35 17.76 0.20 11.06
C GLN A 35 17.06 -1.15 10.97
N LEU A 36 17.03 -1.88 12.07
CA LEU A 36 16.24 -3.10 12.16
C LEU A 36 14.77 -2.80 11.93
N GLN A 37 14.26 -1.80 12.64
CA GLN A 37 12.90 -1.31 12.44
C GLN A 37 12.60 -1.03 10.99
N MET A 38 13.50 -0.29 10.35
CA MET A 38 13.36 0.08 8.95
C MET A 38 13.25 -1.16 8.07
N LYS A 39 14.21 -2.08 8.23
CA LYS A 39 14.25 -3.31 7.45
C LYS A 39 12.94 -4.09 7.52
N GLU A 40 12.33 -4.13 8.70
CA GLU A 40 11.09 -4.87 8.87
C GLU A 40 9.95 -4.17 8.13
N LEU A 41 9.88 -2.85 8.28
CA LEU A 41 8.84 -2.08 7.63
C LEU A 41 9.01 -2.11 6.12
N MET A 42 10.24 -2.17 5.65
CA MET A 42 10.51 -2.24 4.23
C MET A 42 10.03 -3.56 3.64
N LYS A 43 10.18 -4.64 4.40
CA LYS A 43 9.71 -5.94 3.96
C LYS A 43 8.19 -5.98 3.96
N LYS A 44 7.57 -5.30 4.92
CA LYS A 44 6.12 -5.19 4.95
C LYS A 44 5.61 -4.32 3.82
N PHE A 45 6.37 -3.28 3.48
CA PHE A 45 5.96 -2.34 2.45
C PHE A 45 5.98 -2.98 1.06
N LYS A 46 7.02 -3.74 0.78
CA LYS A 46 7.13 -4.47 -0.48
C LYS A 46 6.00 -5.48 -0.65
N GLU A 47 5.49 -5.99 0.47
CA GLU A 47 4.40 -6.95 0.43
C GLU A 47 3.10 -6.30 -0.04
N ILE A 48 2.71 -5.22 0.61
CA ILE A 48 1.45 -4.56 0.27
C ILE A 48 1.52 -3.86 -1.08
N GLN A 49 2.73 -3.60 -1.54
CA GLN A 49 2.92 -2.94 -2.83
C GLN A 49 2.71 -3.95 -3.96
N ALA A 50 3.22 -5.15 -3.76
CA ALA A 50 2.98 -6.25 -4.69
C ALA A 50 1.51 -6.61 -4.63
N GLN A 51 0.96 -6.62 -3.42
CA GLN A 51 -0.47 -6.83 -3.22
C GLN A 51 -1.25 -5.76 -4.00
N ASN A 52 -0.81 -4.52 -3.85
CA ASN A 52 -1.41 -3.38 -4.55
C ASN A 52 -1.37 -3.56 -6.06
N PHE A 53 -0.28 -4.13 -6.55
CA PHE A 53 -0.05 -4.32 -7.98
C PHE A 53 -1.06 -5.30 -8.60
N SER A 54 -1.27 -6.44 -7.95
CA SER A 54 -2.19 -7.44 -8.46
C SER A 54 -3.64 -7.03 -8.21
N LEU A 55 -3.86 -6.25 -7.16
CA LEU A 55 -5.19 -5.72 -6.89
C LEU A 55 -5.67 -4.81 -8.02
N ILE A 56 -4.80 -3.91 -8.47
CA ILE A 56 -5.12 -3.02 -9.58
C ILE A 56 -5.35 -3.81 -10.86
N ASN A 57 -4.52 -4.84 -11.07
CA ASN A 57 -4.68 -5.71 -12.23
C ASN A 57 -6.04 -6.39 -12.24
N GLU A 58 -6.36 -7.05 -11.14
CA GLU A 58 -7.67 -7.69 -10.96
C GLU A 58 -8.78 -6.66 -11.15
N ASN A 59 -8.57 -5.47 -10.59
CA ASN A 59 -9.55 -4.40 -10.65
C ASN A 59 -9.82 -3.93 -12.09
N GLN A 60 -8.76 -3.83 -12.88
CA GLN A 60 -8.88 -3.39 -14.27
CA GLN A 60 -8.91 -3.38 -14.26
C GLN A 60 -9.63 -4.43 -15.10
N SER A 61 -9.27 -5.69 -14.92
CA SER A 61 -9.88 -6.77 -15.68
C SER A 61 -11.36 -6.92 -15.34
N LEU A 62 -11.70 -6.78 -14.06
CA LEU A 62 -13.09 -6.85 -13.64
C LEU A 62 -13.92 -5.74 -14.27
N LYS A 63 -13.35 -4.53 -14.30
CA LYS A 63 -14.00 -3.40 -14.94
C LYS A 63 -14.22 -3.66 -16.43
N LYS A 64 -13.21 -4.28 -17.06
CA LYS A 64 -13.33 -4.70 -18.45
C LYS A 64 -14.50 -5.65 -18.62
N ASN A 65 -14.45 -6.74 -17.86
CA ASN A 65 -15.42 -7.83 -17.96
C ASN A 65 -16.86 -7.37 -17.76
N ILE A 66 -17.10 -6.61 -16.69
CA ILE A 66 -18.46 -6.18 -16.37
C ILE A 66 -18.95 -5.14 -17.38
N SER A 67 -18.03 -4.51 -18.10
CA SER A 67 -18.43 -3.61 -19.17
C SER A 67 -18.76 -4.39 -20.43
N ALA A 68 -17.96 -5.42 -20.70
CA ALA A 68 -18.17 -6.26 -21.86
C ALA A 68 -19.45 -7.08 -21.75
N LEU A 69 -19.68 -7.66 -20.57
CA LEU A 69 -20.87 -8.49 -20.35
C LEU A 69 -22.15 -7.66 -20.46
N ILE A 70 -22.08 -6.40 -20.04
CA ILE A 70 -23.22 -5.49 -20.21
C ILE A 70 -23.54 -5.29 -21.69
N LYS A 71 -22.51 -5.00 -22.47
CA LYS A 71 -22.69 -4.69 -23.89
C LYS A 71 -23.14 -5.91 -24.69
N THR A 72 -22.57 -7.06 -24.40
CA THR A 72 -22.96 -8.28 -25.09
C THR A 72 -24.38 -8.69 -24.74
N ALA A 73 -24.81 -8.34 -23.53
CA ALA A 73 -26.16 -8.66 -23.07
C ALA A 73 -27.20 -7.74 -23.72
N ARG A 74 -26.95 -6.44 -23.68
CA ARG A 74 -27.87 -5.46 -24.26
C ARG A 74 -28.03 -5.65 -25.77
N VAL A 75 -27.02 -6.22 -26.41
CA VAL A 75 -27.10 -6.49 -27.84
C VAL A 75 -27.86 -7.78 -28.07
N GLU A 76 -27.64 -8.74 -27.17
CA GLU A 76 -28.31 -10.03 -27.26
C GLU A 76 -29.81 -9.89 -26.99
N ILE A 77 -30.19 -8.89 -26.19
CA ILE A 77 -31.61 -8.65 -25.91
C ILE A 77 -32.26 -7.83 -27.02
N ASN A 78 -31.45 -7.07 -27.75
CA ASN A 78 -31.97 -6.28 -28.86
C ASN A 78 -32.25 -7.13 -30.08
N ARG A 79 -31.40 -8.13 -30.33
CA ARG A 79 -31.65 -9.08 -31.38
C ARG A 79 -32.97 -9.80 -31.14
N LYS A 80 -33.29 -10.02 -29.88
CA LYS A 80 -34.59 -10.58 -29.51
C LYS A 80 -35.73 -9.64 -29.83
N ASP A 81 -35.65 -8.41 -29.32
CA ASP A 81 -36.71 -7.41 -29.50
C ASP A 81 -36.94 -7.08 -30.98
N GLU A 82 -35.90 -7.26 -31.79
CA GLU A 82 -36.01 -7.01 -33.21
C GLU A 82 -36.81 -8.12 -33.89
N GLU A 83 -36.51 -9.35 -33.52
CA GLU A 83 -37.21 -10.51 -34.09
C GLU A 83 -38.67 -10.52 -33.67
N ILE A 84 -38.92 -10.10 -32.44
CA ILE A 84 -40.29 -10.00 -31.93
C ILE A 84 -41.10 -9.00 -32.75
N SER A 85 -40.48 -7.86 -33.07
CA SER A 85 -41.13 -6.84 -33.87
C SER A 85 -41.42 -7.35 -35.28
N ASN A 86 -40.49 -8.11 -35.84
CA ASN A 86 -40.67 -8.68 -37.17
C ASN A 86 -41.80 -9.70 -37.21
N LEU A 87 -41.98 -10.43 -36.12
CA LEU A 87 -43.08 -11.38 -36.01
C LEU A 87 -44.38 -10.63 -35.80
N HIS A 88 -44.32 -9.54 -35.07
CA HIS A 88 -45.47 -8.64 -34.92
C HIS A 88 -45.78 -7.98 -36.26
N LEU A 89 -44.81 -8.04 -37.17
CA LEU A 89 -44.91 -7.42 -38.48
C LEU A 89 -45.15 -8.47 -39.58
N GLU A 90 -45.59 -9.66 -39.19
CA GLU A 90 -45.86 -10.70 -40.17
C GLU A 90 -46.99 -11.62 -39.72
N ASP B 7 46.78 24.79 28.79
CA ASP B 7 46.95 23.42 28.29
C ASP B 7 45.92 22.50 28.92
N LEU B 8 45.49 22.84 30.13
CA LEU B 8 44.39 22.16 30.78
C LEU B 8 43.13 22.31 29.92
N TYR B 9 42.45 21.19 29.67
CA TYR B 9 41.20 21.14 28.90
C TYR B 9 41.37 21.44 27.40
N GLU B 10 42.58 21.77 26.97
CA GLU B 10 42.84 21.97 25.54
C GLU B 10 42.69 20.65 24.81
N GLU B 11 43.11 19.57 25.47
CA GLU B 11 42.98 18.23 24.93
C GLU B 11 41.51 17.82 24.74
N ILE B 12 40.69 18.06 25.75
CA ILE B 12 39.29 17.65 25.73
C ILE B 12 38.44 18.59 24.86
N LEU B 13 38.88 19.84 24.72
CA LEU B 13 38.18 20.81 23.91
C LEU B 13 38.53 20.65 22.43
N THR B 14 39.80 20.40 22.16
CA THR B 14 40.32 20.29 20.79
C THR B 14 40.97 18.94 20.54
N THR B 18 38.10 16.40 20.09
CA THR B 18 37.25 17.25 19.26
C THR B 18 36.63 16.44 18.12
N ALA B 19 37.41 15.53 17.55
CA ALA B 19 36.93 14.68 16.48
C ALA B 19 36.04 13.59 17.08
N LYS B 20 36.16 13.42 18.39
CA LYS B 20 35.28 12.56 19.15
C LYS B 20 33.86 13.11 19.14
N GLU B 21 33.74 14.44 19.15
CA GLU B 21 32.44 15.09 19.21
C GLU B 21 31.89 15.40 17.83
N ALA B 22 32.78 15.53 16.85
CA ALA B 22 32.36 15.73 15.47
C ALA B 22 31.76 14.46 14.89
N THR B 23 32.38 13.32 15.19
CA THR B 23 31.88 12.03 14.73
C THR B 23 30.63 11.63 15.49
N TYR B 24 30.44 12.22 16.67
CA TYR B 24 29.18 12.03 17.38
C TYR B 24 28.08 12.77 16.62
N ASN B 25 28.37 14.00 16.23
CA ASN B 25 27.44 14.81 15.46
C ASN B 25 27.10 14.15 14.12
N ASP B 26 28.10 13.58 13.47
CA ASP B 26 27.92 12.91 12.19
C ASP B 26 26.88 11.80 12.29
N LEU B 27 27.06 10.94 13.29
CA LEU B 27 26.15 9.84 13.52
C LEU B 27 24.79 10.34 13.96
N GLN B 28 24.78 11.41 14.75
CA GLN B 28 23.53 11.99 15.23
C GLN B 28 22.71 12.49 14.06
N VAL B 29 23.39 12.99 13.04
CA VAL B 29 22.73 13.40 11.80
C VAL B 29 22.19 12.18 11.08
N GLU B 30 23.00 11.12 11.03
CA GLU B 30 22.61 9.87 10.39
C GLU B 30 21.36 9.28 11.04
N TYR B 31 21.36 9.28 12.36
CA TYR B 31 20.24 8.73 13.13
C TYR B 31 18.98 9.53 12.89
N GLY B 32 19.13 10.83 12.73
CA GLY B 32 18.00 11.70 12.47
C GLY B 32 17.46 11.45 11.07
N LYS B 33 18.34 11.19 10.13
CA LYS B 33 17.91 10.95 8.76
C LYS B 33 17.15 9.64 8.69
N ALA B 34 17.70 8.62 9.36
CA ALA B 34 17.08 7.31 9.42
C ALA B 34 15.65 7.41 9.95
N GLN B 35 15.47 8.18 11.02
CA GLN B 35 14.15 8.36 11.61
C GLN B 35 13.17 8.98 10.63
N LEU B 36 13.63 10.02 9.93
CA LEU B 36 12.78 10.74 8.99
C LEU B 36 12.48 9.85 7.79
N GLN B 37 13.47 9.06 7.36
CA GLN B 37 13.26 8.12 6.29
C GLN B 37 12.20 7.09 6.72
N MET B 38 12.25 6.70 7.98
CA MET B 38 11.28 5.77 8.54
C MET B 38 9.88 6.38 8.59
N LYS B 39 9.80 7.64 9.03
CA LYS B 39 8.51 8.33 9.10
C LYS B 39 7.88 8.50 7.71
N GLU B 40 8.72 8.70 6.71
CA GLU B 40 8.22 8.84 5.34
C GLU B 40 7.73 7.49 4.82
N LEU B 41 8.41 6.42 5.22
CA LEU B 41 8.05 5.08 4.77
C LEU B 41 6.73 4.64 5.39
N MET B 42 6.51 4.97 6.66
CA MET B 42 5.24 4.68 7.33
CA MET B 42 5.24 4.66 7.30
C MET B 42 4.11 5.38 6.59
N LYS B 43 4.38 6.59 6.13
CA LYS B 43 3.39 7.38 5.41
C LYS B 43 2.99 6.68 4.11
N LYS B 44 3.97 6.31 3.30
CA LYS B 44 3.73 5.61 2.05
C LYS B 44 3.00 4.30 2.29
N PHE B 45 3.39 3.59 3.35
CA PHE B 45 2.78 2.33 3.70
C PHE B 45 1.28 2.50 3.92
N LYS B 46 0.91 3.43 4.80
CA LYS B 46 -0.48 3.67 5.14
C LYS B 46 -1.28 4.12 3.91
N GLU B 47 -0.60 4.80 3.00
CA GLU B 47 -1.22 5.26 1.76
C GLU B 47 -1.55 4.07 0.86
N ILE B 48 -0.54 3.25 0.59
CA ILE B 48 -0.71 2.05 -0.23
C ILE B 48 -1.71 1.09 0.42
N GLN B 49 -1.65 0.96 1.74
CA GLN B 49 -2.58 0.10 2.47
C GLN B 49 -4.01 0.53 2.26
N ALA B 50 -4.24 1.84 2.32
CA ALA B 50 -5.57 2.42 2.14
C ALA B 50 -6.13 2.10 0.75
N GLN B 51 -5.27 2.15 -0.26
CA GLN B 51 -5.69 1.80 -1.62
C GLN B 51 -6.12 0.35 -1.70
N ASN B 52 -5.36 -0.53 -1.04
CA ASN B 52 -5.66 -1.94 -1.03
C ASN B 52 -7.02 -2.23 -0.40
N PHE B 53 -7.29 -1.59 0.74
CA PHE B 53 -8.60 -1.72 1.37
C PHE B 53 -9.69 -1.26 0.42
N SER B 54 -9.39 -0.21 -0.33
CA SER B 54 -10.32 0.30 -1.33
C SER B 54 -10.48 -0.68 -2.49
N LEU B 55 -9.35 -1.25 -2.93
CA LEU B 55 -9.35 -2.18 -4.05
C LEU B 55 -9.99 -3.52 -3.69
N ILE B 56 -9.67 -4.03 -2.50
CA ILE B 56 -10.27 -5.27 -2.01
C ILE B 56 -11.79 -5.14 -1.96
N ASN B 57 -12.23 -4.02 -1.40
CA ASN B 57 -13.65 -3.72 -1.28
C ASN B 57 -14.33 -3.66 -2.64
N GLU B 58 -13.74 -2.90 -3.56
CA GLU B 58 -14.31 -2.69 -4.88
C GLU B 58 -14.32 -3.97 -5.71
N ASN B 59 -13.23 -4.74 -5.63
CA ASN B 59 -13.09 -5.97 -6.40
C ASN B 59 -14.13 -7.00 -6.03
N GLN B 60 -14.38 -7.15 -4.73
CA GLN B 60 -15.33 -8.15 -4.26
C GLN B 60 -16.76 -7.76 -4.68
N SER B 61 -17.02 -6.47 -4.75
CA SER B 61 -18.35 -5.98 -5.11
C SER B 61 -18.57 -6.01 -6.63
N LEU B 62 -17.48 -6.02 -7.40
CA LEU B 62 -17.57 -6.15 -8.85
C LEU B 62 -17.88 -7.59 -9.23
N LYS B 63 -17.19 -8.52 -8.57
CA LYS B 63 -17.43 -9.95 -8.74
C LYS B 63 -18.89 -10.28 -8.46
N LYS B 64 -19.43 -9.64 -7.42
CA LYS B 64 -20.84 -9.80 -7.09
C LYS B 64 -21.72 -9.16 -8.17
N ASN B 65 -21.29 -8.00 -8.66
CA ASN B 65 -22.05 -7.28 -9.68
C ASN B 65 -22.10 -8.04 -10.99
N ILE B 66 -20.98 -8.66 -11.36
CA ILE B 66 -20.91 -9.50 -12.54
C ILE B 66 -21.89 -10.66 -12.41
N SER B 67 -21.86 -11.32 -11.27
CA SER B 67 -22.74 -12.43 -10.97
C SER B 67 -24.21 -12.04 -11.10
N ALA B 68 -24.56 -10.89 -10.51
CA ALA B 68 -25.93 -10.39 -10.54
C ALA B 68 -26.34 -10.05 -11.96
N LEU B 69 -25.37 -9.55 -12.72
CA LEU B 69 -25.57 -9.18 -14.11
C LEU B 69 -25.88 -10.40 -14.98
N ILE B 70 -25.08 -11.45 -14.82
CA ILE B 70 -25.26 -12.68 -15.60
C ILE B 70 -26.64 -13.27 -15.33
N LYS B 71 -27.03 -13.27 -14.06
CA LYS B 71 -28.30 -13.88 -13.66
C LYS B 71 -29.50 -13.19 -14.31
N THR B 72 -29.58 -11.87 -14.21
CA THR B 72 -30.73 -11.15 -14.75
C THR B 72 -30.69 -11.13 -16.27
N ALA B 73 -29.49 -11.21 -16.84
CA ALA B 73 -29.35 -11.31 -18.28
C ALA B 73 -29.91 -12.63 -18.77
N ARG B 74 -29.52 -13.71 -18.09
CA ARG B 74 -29.97 -15.06 -18.44
C ARG B 74 -31.50 -15.15 -18.36
N VAL B 75 -32.07 -14.55 -17.33
CA VAL B 75 -33.52 -14.57 -17.12
C VAL B 75 -34.27 -13.80 -18.18
N GLU B 76 -33.83 -12.58 -18.44
CA GLU B 76 -34.53 -11.72 -19.39
C GLU B 76 -34.42 -12.26 -20.81
N ILE B 77 -33.25 -12.78 -21.16
CA ILE B 77 -33.04 -13.35 -22.48
C ILE B 77 -33.98 -14.53 -22.72
N ASN B 78 -33.98 -15.47 -21.77
CA ASN B 78 -34.89 -16.61 -21.82
C ASN B 78 -36.35 -16.18 -21.88
N ARG B 79 -36.67 -15.08 -21.21
CA ARG B 79 -38.02 -14.54 -21.21
C ARG B 79 -38.43 -14.07 -22.59
N LYS B 80 -37.55 -13.33 -23.26
CA LYS B 80 -37.77 -12.89 -24.63
C LYS B 80 -37.93 -14.11 -25.53
N ASP B 81 -37.14 -15.14 -25.27
CA ASP B 81 -37.17 -16.35 -26.06
C ASP B 81 -38.52 -17.05 -25.90
N GLU B 82 -39.08 -17.02 -24.70
CA GLU B 82 -40.40 -17.56 -24.46
C GLU B 82 -41.44 -16.76 -25.23
N GLU B 83 -41.34 -15.44 -25.17
CA GLU B 83 -42.21 -14.55 -25.93
C GLU B 83 -42.20 -14.94 -27.41
N ILE B 84 -41.01 -15.22 -27.94
CA ILE B 84 -40.87 -15.62 -29.34
C ILE B 84 -41.56 -16.95 -29.64
N SER B 85 -41.40 -17.92 -28.75
CA SER B 85 -42.07 -19.21 -28.88
C SER B 85 -43.59 -19.04 -28.89
N ASN B 86 -44.10 -18.32 -27.89
CA ASN B 86 -45.53 -18.07 -27.78
C ASN B 86 -46.10 -17.36 -28.99
N LEU B 87 -45.30 -16.47 -29.58
CA LEU B 87 -45.73 -15.74 -30.77
C LEU B 87 -45.95 -16.67 -31.94
N HIS B 88 -45.02 -17.61 -32.15
CA HIS B 88 -45.16 -18.60 -33.20
C HIS B 88 -46.36 -19.51 -32.98
N LEU B 89 -46.68 -19.77 -31.71
CA LEU B 89 -47.74 -20.70 -31.36
C LEU B 89 -49.13 -20.17 -31.62
N GLU B 90 -49.37 -18.90 -31.25
CA GLU B 90 -50.67 -18.29 -31.50
C GLU B 90 -50.81 -17.90 -32.96
N HIS B 91 -49.67 -17.67 -33.62
CA HIS B 91 -49.63 -17.29 -35.03
C HIS B 91 -50.44 -18.24 -35.91
#